data_6O6F
#
_entry.id   6O6F
#
_cell.length_a   43.315
_cell.length_b   84.935
_cell.length_c   90.736
_cell.angle_alpha   90.00
_cell.angle_beta   90.00
_cell.angle_gamma   90.00
#
_symmetry.space_group_name_H-M   'P 21 21 21'
#
loop_
_entity.id
_entity.type
_entity.pdbx_description
1 polymer 'Induced myeloid leukemia cell differentiation protein Mcl-1'
2 non-polymer "(3S)-5'-chloro-5-(cyclobutylmethyl)-2',3',4,5-tetrahydro-2H-spiro[1,5-benzoxazepine-3,1'-indene]-7-carboxylic acid"
3 water water
#
_entity_poly.entity_id   1
_entity_poly.type   'polypeptide(L)'
_entity_poly.pdbx_seq_one_letter_code
;GSDELYRQSLEIISRYLREQATGAKDTKPMGRSGATSRKALETLRRVGDGVQRNHETAFQGMLRKLDIKNEDDVKSLSRV
MIHVFSDGVTNWGRIVTLISFGAFVAKHLKTINQESCIEPLAESITDVLVRTKRDWLVKQRGWDGFVEFFHVEDLEGG
;
_entity_poly.pdbx_strand_id   A,B
#
loop_
_chem_comp.id
_chem_comp.type
_chem_comp.name
_chem_comp.formula
LOD non-polymer '(3S)-5'-chloro-5-(cyclobutylmethyl)-2',3',4,5-tetrahydro-2H-spiro[1,5-benzoxazepine-3,1'-indene]-7-carboxylic acid' 'C23 H24 Cl N O3'
#
# COMPACT_ATOMS: atom_id res chain seq x y z
N SER A 2 -4.11 27.51 -20.15
CA SER A 2 -4.05 26.05 -20.44
C SER A 2 -4.46 25.24 -19.23
N ASP A 3 -4.95 24.03 -19.45
CA ASP A 3 -5.36 23.15 -18.36
C ASP A 3 -4.10 22.60 -17.66
N GLU A 4 -3.60 23.33 -16.66
CA GLU A 4 -2.39 22.89 -15.98
C GLU A 4 -2.52 21.64 -15.14
N LEU A 5 -3.69 21.41 -14.53
CA LEU A 5 -3.87 20.20 -13.72
C LEU A 5 -3.81 18.98 -14.62
N TYR A 6 -4.40 19.09 -15.80
CA TYR A 6 -4.40 17.97 -16.74
C TYR A 6 -2.99 17.68 -17.22
N ARG A 7 -2.29 18.73 -17.67
CA ARG A 7 -0.93 18.58 -18.16
C ARG A 7 0.01 17.97 -17.12
N GLN A 8 -0.10 18.42 -15.88
CA GLN A 8 0.76 17.90 -14.82
C GLN A 8 0.41 16.45 -14.48
N SER A 9 -0.88 16.16 -14.45
CA SER A 9 -1.31 14.81 -14.13
C SER A 9 -0.79 13.83 -15.18
N LEU A 10 -0.89 14.21 -16.44
CA LEU A 10 -0.43 13.35 -17.52
C LEU A 10 1.08 13.11 -17.43
N GLU A 11 1.85 14.14 -17.11
CA GLU A 11 3.29 13.96 -17.01
C GLU A 11 3.62 12.97 -15.91
N ILE A 12 2.99 13.13 -14.75
CA ILE A 12 3.26 12.24 -13.63
C ILE A 12 2.84 10.79 -13.92
N ILE A 13 1.59 10.62 -14.35
CA ILE A 13 1.09 9.29 -14.64
C ILE A 13 1.87 8.63 -15.78
N SER A 14 2.17 9.40 -16.84
CA SER A 14 2.92 8.85 -17.95
C SER A 14 4.30 8.37 -17.52
N ARG A 15 5.02 9.22 -16.78
CA ARG A 15 6.35 8.84 -16.32
C ARG A 15 6.37 7.64 -15.41
N TYR A 16 5.40 7.54 -14.51
CA TYR A 16 5.37 6.39 -13.62
C TYR A 16 5.12 5.12 -14.43
N LEU A 17 4.10 5.13 -15.28
CA LEU A 17 3.80 3.95 -16.10
C LEU A 17 4.96 3.50 -16.95
N ARG A 18 5.64 4.43 -17.61
CA ARG A 18 6.77 4.06 -18.46
C ARG A 18 7.96 3.56 -17.65
N GLU A 19 8.21 4.18 -16.50
CA GLU A 19 9.32 3.78 -15.64
C GLU A 19 9.06 2.37 -15.13
N GLN A 20 7.81 2.10 -14.75
CA GLN A 20 7.42 0.78 -14.23
C GLN A 20 7.54 -0.31 -15.29
N ALA A 21 7.28 0.04 -16.55
CA ALA A 21 7.34 -0.95 -17.61
C ALA A 21 8.73 -1.22 -18.16
N THR A 22 9.60 -0.23 -18.07
CA THR A 22 10.96 -0.35 -18.61
C THR A 22 12.05 -0.56 -17.56
N GLY A 23 11.76 -0.19 -16.33
CA GLY A 23 12.71 -0.35 -15.26
C GLY A 23 13.79 0.72 -15.29
N ALA A 24 13.53 1.82 -16.00
CA ALA A 24 14.48 2.90 -16.10
C ALA A 24 13.80 4.26 -16.01
N LYS A 25 14.45 5.19 -15.34
CA LYS A 25 13.93 6.55 -15.14
C LYS A 25 14.12 7.41 -16.38
N ASP A 26 13.20 8.34 -16.58
CA ASP A 26 13.27 9.26 -17.71
C ASP A 26 14.04 10.46 -17.17
N THR A 27 15.19 10.78 -17.74
CA THR A 27 15.94 11.90 -17.19
C THR A 27 15.63 13.26 -17.82
N LYS A 28 14.55 13.34 -18.60
CA LYS A 28 14.15 14.59 -19.22
C LYS A 28 13.66 15.47 -18.09
N PRO A 29 13.89 16.78 -18.20
CA PRO A 29 13.40 17.62 -17.11
C PRO A 29 11.89 17.66 -17.12
N MET A 30 11.29 17.91 -15.96
CA MET A 30 9.83 17.99 -15.90
C MET A 30 9.40 19.32 -16.50
N GLY A 31 8.12 19.40 -16.85
CA GLY A 31 7.58 20.62 -17.41
C GLY A 31 7.24 21.59 -16.27
N ARG A 32 6.12 22.27 -16.38
CA ARG A 32 5.70 23.20 -15.34
C ARG A 32 5.44 22.51 -14.00
N SER A 33 5.68 23.22 -12.90
CA SER A 33 5.48 22.66 -11.57
C SER A 33 6.36 21.43 -11.33
N GLY A 34 7.53 21.43 -11.96
CA GLY A 34 8.47 20.33 -11.85
C GLY A 34 8.80 19.80 -10.47
N ALA A 35 9.07 20.71 -9.54
CA ALA A 35 9.39 20.33 -8.17
C ALA A 35 8.31 19.42 -7.63
N THR A 36 7.05 19.88 -7.67
CA THR A 36 5.93 19.08 -7.17
C THR A 36 5.82 17.76 -7.92
N SER A 37 5.95 17.81 -9.24
CA SER A 37 5.86 16.60 -10.05
C SER A 37 6.93 15.57 -9.68
N ARG A 38 8.13 16.04 -9.35
CA ARG A 38 9.21 15.14 -8.97
C ARG A 38 8.88 14.48 -7.64
N LYS A 39 8.29 15.25 -6.73
CA LYS A 39 7.90 14.72 -5.43
C LYS A 39 6.72 13.77 -5.56
N ALA A 40 5.83 14.07 -6.50
CA ALA A 40 4.67 13.19 -6.71
C ALA A 40 5.13 11.86 -7.28
N LEU A 41 6.16 11.90 -8.13
CA LEU A 41 6.69 10.68 -8.74
C LEU A 41 7.40 9.83 -7.69
N GLU A 42 8.12 10.47 -6.77
CA GLU A 42 8.81 9.69 -5.73
C GLU A 42 7.76 9.10 -4.80
N THR A 43 6.68 9.83 -4.55
CA THR A 43 5.64 9.32 -3.67
C THR A 43 4.99 8.08 -4.28
N LEU A 44 4.79 8.14 -5.59
CA LEU A 44 4.17 7.04 -6.33
C LEU A 44 5.06 5.79 -6.39
N ARG A 45 6.37 5.99 -6.45
CA ARG A 45 7.29 4.86 -6.46
C ARG A 45 7.24 4.16 -5.13
N ARG A 46 7.07 4.93 -4.06
CA ARG A 46 7.00 4.34 -2.73
C ARG A 46 5.66 3.67 -2.44
N VAL A 47 4.56 4.40 -2.63
CA VAL A 47 3.25 3.82 -2.34
C VAL A 47 2.64 2.99 -3.46
N GLY A 48 2.95 3.33 -4.70
CA GLY A 48 2.42 2.58 -5.82
C GLY A 48 2.98 1.17 -5.86
N ASP A 49 4.30 1.04 -5.73
CA ASP A 49 4.96 -0.25 -5.77
C ASP A 49 4.43 -1.16 -4.68
N GLY A 50 4.16 -0.59 -3.51
CA GLY A 50 3.64 -1.38 -2.42
C GLY A 50 2.25 -1.93 -2.73
N VAL A 51 1.41 -1.08 -3.31
CA VAL A 51 0.05 -1.47 -3.66
C VAL A 51 0.00 -2.67 -4.60
N GLN A 52 0.87 -2.67 -5.61
CA GLN A 52 0.90 -3.78 -6.56
C GLN A 52 1.27 -5.10 -5.88
N ARG A 53 2.08 -5.02 -4.83
CA ARG A 53 2.45 -6.20 -4.10
C ARG A 53 1.36 -6.63 -3.13
N ASN A 54 0.84 -5.69 -2.34
CA ASN A 54 -0.20 -6.03 -1.37
C ASN A 54 -1.45 -6.62 -1.96
N HIS A 55 -1.75 -6.27 -3.21
CA HIS A 55 -2.96 -6.76 -3.84
C HIS A 55 -2.63 -7.46 -5.15
N GLU A 56 -1.45 -8.07 -5.18
CA GLU A 56 -0.95 -8.79 -6.36
C GLU A 56 -1.91 -9.83 -6.93
N THR A 57 -2.53 -10.63 -6.06
CA THR A 57 -3.45 -11.66 -6.51
C THR A 57 -4.68 -11.05 -7.17
N ALA A 58 -5.25 -10.03 -6.54
CA ALA A 58 -6.42 -9.37 -7.09
C ALA A 58 -6.05 -8.67 -8.40
N PHE A 59 -4.84 -8.10 -8.43
CA PHE A 59 -4.38 -7.41 -9.62
C PHE A 59 -4.23 -8.41 -10.78
N GLN A 60 -3.66 -9.57 -10.47
CA GLN A 60 -3.49 -10.61 -11.49
C GLN A 60 -4.86 -11.11 -11.95
N GLY A 61 -5.81 -11.14 -11.03
CA GLY A 61 -7.16 -11.58 -11.36
C GLY A 61 -7.90 -10.64 -12.31
N MET A 62 -7.79 -9.34 -12.05
CA MET A 62 -8.45 -8.34 -12.89
C MET A 62 -7.77 -8.27 -14.26
N LEU A 63 -6.44 -8.33 -14.27
CA LEU A 63 -5.72 -8.28 -15.53
C LEU A 63 -6.22 -9.43 -16.41
N ARG A 64 -6.30 -10.62 -15.81
CA ARG A 64 -6.76 -11.81 -16.53
C ARG A 64 -8.14 -11.56 -17.11
N LYS A 65 -9.03 -11.01 -16.29
CA LYS A 65 -10.39 -10.72 -16.71
C LYS A 65 -10.45 -9.78 -17.91
N LEU A 66 -9.57 -8.80 -17.95
CA LEU A 66 -9.57 -7.83 -19.03
C LEU A 66 -9.04 -8.45 -20.33
N ASP A 67 -8.32 -9.56 -20.19
CA ASP A 67 -7.75 -10.30 -21.32
C ASP A 67 -7.25 -9.37 -22.43
N ILE A 68 -6.22 -8.60 -22.11
CA ILE A 68 -5.64 -7.63 -23.04
C ILE A 68 -4.67 -8.31 -24.00
N LYS A 69 -4.92 -8.13 -25.30
CA LYS A 69 -4.10 -8.70 -26.36
C LYS A 69 -3.72 -7.69 -27.42
N ASN A 70 -4.45 -6.57 -27.50
CA ASN A 70 -4.17 -5.59 -28.55
C ASN A 70 -4.71 -4.21 -28.19
N GLU A 71 -4.60 -3.29 -29.15
CA GLU A 71 -5.04 -1.92 -28.97
C GLU A 71 -6.52 -1.79 -28.70
N ASP A 72 -7.34 -2.56 -29.38
CA ASP A 72 -8.77 -2.44 -29.13
C ASP A 72 -9.06 -2.80 -27.68
N ASP A 73 -8.34 -3.80 -27.16
CA ASP A 73 -8.54 -4.23 -25.78
C ASP A 73 -8.12 -3.09 -24.86
N VAL A 74 -7.08 -2.36 -25.26
CA VAL A 74 -6.59 -1.23 -24.48
C VAL A 74 -7.61 -0.10 -24.47
N LYS A 75 -8.29 0.08 -25.60
CA LYS A 75 -9.29 1.13 -25.73
C LYS A 75 -10.55 0.84 -24.92
N SER A 76 -10.76 -0.43 -24.56
CA SER A 76 -11.95 -0.81 -23.79
C SER A 76 -11.75 -0.55 -22.30
N LEU A 77 -10.51 -0.30 -21.90
CA LEU A 77 -10.21 -0.07 -20.49
C LEU A 77 -10.83 1.22 -19.93
N SER A 78 -11.08 2.22 -20.79
CA SER A 78 -11.66 3.45 -20.31
C SER A 78 -13.01 3.25 -19.64
N ARG A 79 -13.86 2.44 -20.27
CA ARG A 79 -15.22 2.17 -19.76
C ARG A 79 -15.17 1.44 -18.41
N VAL A 80 -14.18 0.55 -18.25
CA VAL A 80 -14.02 -0.18 -17.01
C VAL A 80 -13.55 0.77 -15.90
N MET A 81 -12.61 1.67 -16.20
CA MET A 81 -12.13 2.60 -15.19
C MET A 81 -13.25 3.51 -14.69
N ILE A 82 -14.13 3.91 -15.59
CA ILE A 82 -15.24 4.76 -15.22
C ILE A 82 -16.22 4.00 -14.34
N HIS A 83 -16.46 2.76 -14.73
CA HIS A 83 -17.38 1.87 -14.01
C HIS A 83 -16.87 1.58 -12.60
N VAL A 84 -15.57 1.27 -12.48
CA VAL A 84 -14.99 0.94 -11.19
C VAL A 84 -14.44 2.08 -10.34
N PHE A 85 -13.65 2.96 -10.94
CA PHE A 85 -13.08 4.08 -10.19
C PHE A 85 -14.01 5.28 -10.00
N SER A 86 -14.50 5.84 -11.10
CA SER A 86 -15.37 7.02 -11.02
C SER A 86 -16.65 6.83 -10.21
N ASP A 87 -17.29 5.68 -10.38
CA ASP A 87 -18.54 5.40 -9.67
C ASP A 87 -18.29 4.93 -8.24
N GLY A 88 -17.73 5.83 -7.42
CA GLY A 88 -17.48 5.49 -6.04
C GLY A 88 -16.95 6.70 -5.27
N VAL A 89 -16.93 6.60 -3.94
CA VAL A 89 -16.43 7.67 -3.10
C VAL A 89 -14.95 7.91 -3.40
N THR A 90 -14.56 9.16 -3.57
CA THR A 90 -13.18 9.46 -3.89
C THR A 90 -12.27 9.71 -2.68
N ASN A 91 -11.09 9.11 -2.72
CA ASN A 91 -10.07 9.33 -1.70
C ASN A 91 -8.72 9.03 -2.36
N TRP A 92 -7.63 9.51 -1.75
CA TRP A 92 -6.33 9.30 -2.35
C TRP A 92 -5.96 7.84 -2.56
N GLY A 93 -6.38 6.98 -1.64
CA GLY A 93 -6.08 5.56 -1.75
C GLY A 93 -6.61 4.98 -3.06
N ARG A 94 -7.83 5.38 -3.42
CA ARG A 94 -8.42 4.86 -4.65
C ARG A 94 -7.75 5.42 -5.90
N ILE A 95 -7.25 6.64 -5.82
CA ILE A 95 -6.56 7.24 -6.96
C ILE A 95 -5.22 6.51 -7.14
N VAL A 96 -4.60 6.13 -6.03
CA VAL A 96 -3.33 5.41 -6.10
C VAL A 96 -3.59 4.00 -6.67
N THR A 97 -4.74 3.42 -6.37
CA THR A 97 -5.04 2.09 -6.91
C THR A 97 -5.28 2.21 -8.41
N LEU A 98 -5.94 3.28 -8.83
CA LEU A 98 -6.21 3.51 -10.26
C LEU A 98 -4.91 3.58 -11.06
N ILE A 99 -3.97 4.37 -10.56
CA ILE A 99 -2.67 4.54 -11.19
C ILE A 99 -1.77 3.31 -11.02
N SER A 100 -1.83 2.69 -9.84
CA SER A 100 -1.01 1.50 -9.57
C SER A 100 -1.41 0.34 -10.48
N PHE A 101 -2.71 0.16 -10.71
CA PHE A 101 -3.11 -0.92 -11.57
C PHE A 101 -2.78 -0.55 -13.01
N GLY A 102 -2.76 0.75 -13.29
CA GLY A 102 -2.41 1.19 -14.63
C GLY A 102 -0.98 0.80 -14.93
N ALA A 103 -0.13 0.88 -13.92
CA ALA A 103 1.28 0.53 -14.07
C ALA A 103 1.39 -0.99 -14.20
N PHE A 104 0.47 -1.72 -13.56
CA PHE A 104 0.47 -3.18 -13.60
C PHE A 104 0.13 -3.59 -15.04
N VAL A 105 -0.77 -2.83 -15.67
CA VAL A 105 -1.15 -3.13 -17.05
C VAL A 105 0.00 -2.76 -17.97
N ALA A 106 0.69 -1.67 -17.67
CA ALA A 106 1.81 -1.22 -18.50
C ALA A 106 2.89 -2.31 -18.57
N LYS A 107 3.17 -2.95 -17.44
CA LYS A 107 4.16 -4.03 -17.41
C LYS A 107 3.68 -5.16 -18.32
N HIS A 108 2.39 -5.44 -18.26
CA HIS A 108 1.80 -6.48 -19.09
C HIS A 108 1.95 -6.14 -20.56
N LEU A 109 1.71 -4.88 -20.91
CA LEU A 109 1.81 -4.46 -22.31
C LEU A 109 3.22 -4.70 -22.85
N LYS A 110 4.23 -4.55 -22.01
CA LYS A 110 5.60 -4.76 -22.45
C LYS A 110 5.81 -6.25 -22.73
N THR A 111 5.27 -7.10 -21.85
CA THR A 111 5.42 -8.54 -21.99
C THR A 111 4.82 -9.05 -23.31
N ILE A 112 3.76 -8.41 -23.81
CA ILE A 112 3.17 -8.84 -25.07
C ILE A 112 3.58 -7.93 -26.22
N ASN A 113 4.73 -7.28 -26.07
CA ASN A 113 5.27 -6.39 -27.10
C ASN A 113 4.29 -5.36 -27.70
N GLN A 114 3.61 -4.64 -26.83
CA GLN A 114 2.66 -3.59 -27.21
C GLN A 114 3.00 -2.33 -26.41
N GLU A 115 4.31 -2.05 -26.27
CA GLU A 115 4.77 -0.88 -25.52
C GLU A 115 4.22 0.44 -26.07
N SER A 116 3.97 0.52 -27.37
CA SER A 116 3.46 1.74 -27.97
C SER A 116 2.08 2.14 -27.42
N CYS A 117 1.45 1.24 -26.67
CA CYS A 117 0.15 1.51 -26.09
C CYS A 117 0.24 2.09 -24.68
N ILE A 118 1.44 2.14 -24.13
CA ILE A 118 1.63 2.65 -22.78
C ILE A 118 1.30 4.13 -22.61
N GLU A 119 1.71 4.97 -23.55
CA GLU A 119 1.38 6.39 -23.42
C GLU A 119 -0.10 6.62 -23.64
N PRO A 120 -0.71 5.91 -24.61
CA PRO A 120 -2.15 6.11 -24.81
C PRO A 120 -2.92 5.69 -23.54
N LEU A 121 -2.43 4.63 -22.89
CA LEU A 121 -3.05 4.15 -21.66
C LEU A 121 -2.95 5.22 -20.57
N ALA A 122 -1.80 5.87 -20.49
CA ALA A 122 -1.59 6.92 -19.49
C ALA A 122 -2.55 8.07 -19.73
N GLU A 123 -2.80 8.36 -21.00
CA GLU A 123 -3.70 9.44 -21.37
C GLU A 123 -5.13 9.07 -20.99
N SER A 124 -5.47 7.79 -21.14
CA SER A 124 -6.80 7.31 -20.78
C SER A 124 -7.02 7.40 -19.26
N ILE A 125 -6.00 7.04 -18.50
CA ILE A 125 -6.09 7.09 -17.05
C ILE A 125 -6.23 8.55 -16.57
N THR A 126 -5.45 9.44 -17.18
CA THR A 126 -5.50 10.84 -16.81
C THR A 126 -6.85 11.46 -17.16
N ASP A 127 -7.46 11.03 -18.26
CA ASP A 127 -8.77 11.56 -18.66
C ASP A 127 -9.81 11.20 -17.60
N VAL A 128 -9.78 9.95 -17.16
CA VAL A 128 -10.75 9.49 -16.16
C VAL A 128 -10.54 10.22 -14.85
N LEU A 129 -9.29 10.32 -14.43
CA LEU A 129 -8.98 10.97 -13.15
C LEU A 129 -9.34 12.45 -13.12
N VAL A 130 -8.75 13.22 -14.03
CA VAL A 130 -8.98 14.66 -14.06
C VAL A 130 -10.35 15.09 -14.54
N ARG A 131 -10.88 14.43 -15.56
CA ARG A 131 -12.16 14.87 -16.06
C ARG A 131 -13.40 14.40 -15.30
N THR A 132 -13.27 13.42 -14.40
CA THR A 132 -14.43 13.00 -13.63
C THR A 132 -14.29 13.35 -12.16
N LYS A 133 -13.08 13.76 -11.75
CA LYS A 133 -12.85 14.13 -10.35
C LYS A 133 -12.16 15.48 -10.12
N ARG A 134 -12.23 16.40 -11.09
CA ARG A 134 -11.58 17.71 -10.92
C ARG A 134 -11.99 18.48 -9.66
N ASP A 135 -13.28 18.57 -9.37
CA ASP A 135 -13.71 19.31 -8.18
C ASP A 135 -13.03 18.76 -6.93
N TRP A 136 -12.99 17.43 -6.79
CA TRP A 136 -12.36 16.82 -5.62
C TRP A 136 -10.87 17.13 -5.60
N LEU A 137 -10.20 16.96 -6.73
CA LEU A 137 -8.76 17.21 -6.80
C LEU A 137 -8.40 18.63 -6.42
N VAL A 138 -9.14 19.59 -6.95
CA VAL A 138 -8.92 21.00 -6.65
C VAL A 138 -9.13 21.26 -5.16
N LYS A 139 -10.13 20.63 -4.57
CA LYS A 139 -10.40 20.83 -3.15
C LYS A 139 -9.31 20.23 -2.26
N GLN A 140 -8.68 19.16 -2.73
CA GLN A 140 -7.62 18.50 -1.97
C GLN A 140 -6.22 19.01 -2.35
N ARG A 141 -6.19 20.18 -2.98
CA ARG A 141 -4.96 20.85 -3.39
C ARG A 141 -4.10 20.16 -4.45
N GLY A 142 -4.76 19.40 -5.31
CA GLY A 142 -4.07 18.72 -6.39
C GLY A 142 -2.86 17.88 -5.97
N TRP A 143 -1.83 17.92 -6.80
CA TRP A 143 -0.63 17.16 -6.51
C TRP A 143 0.15 17.64 -5.29
N ASP A 144 0.01 18.90 -4.91
CA ASP A 144 0.70 19.36 -3.70
C ASP A 144 0.02 18.64 -2.52
N GLY A 145 -1.29 18.44 -2.63
CA GLY A 145 -2.03 17.75 -1.59
C GLY A 145 -1.69 16.27 -1.56
N PHE A 146 -1.49 15.68 -2.73
CA PHE A 146 -1.11 14.27 -2.85
C PHE A 146 0.20 14.06 -2.09
N VAL A 147 1.18 14.91 -2.37
CA VAL A 147 2.49 14.79 -1.72
C VAL A 147 2.40 14.99 -0.21
N GLU A 148 1.62 15.97 0.23
CA GLU A 148 1.46 16.20 1.65
C GLU A 148 0.75 15.03 2.33
N PHE A 149 -0.27 14.48 1.68
CA PHE A 149 -1.04 13.38 2.25
C PHE A 149 -0.23 12.14 2.58
N PHE A 150 0.77 11.86 1.76
CA PHE A 150 1.61 10.69 1.91
C PHE A 150 2.97 11.01 2.53
N HIS A 151 3.16 12.26 2.95
CA HIS A 151 4.42 12.70 3.54
C HIS A 151 4.85 11.84 4.72
N VAL A 152 6.11 11.41 4.70
CA VAL A 152 6.65 10.63 5.82
C VAL A 152 7.37 11.62 6.70
N SER B 2 13.51 -24.80 20.10
CA SER B 2 12.75 -23.54 20.33
C SER B 2 12.09 -22.98 19.08
N ASP B 3 11.20 -22.02 19.29
CA ASP B 3 10.45 -21.39 18.21
C ASP B 3 11.11 -20.13 17.64
N GLU B 4 12.01 -20.31 16.68
CA GLU B 4 12.72 -19.21 16.06
C GLU B 4 11.79 -18.28 15.27
N LEU B 5 10.87 -18.86 14.50
CA LEU B 5 9.93 -18.06 13.73
C LEU B 5 9.05 -17.21 14.64
N TYR B 6 8.60 -17.77 15.75
CA TYR B 6 7.78 -16.98 16.66
C TYR B 6 8.59 -15.84 17.30
N ARG B 7 9.79 -16.14 17.77
CA ARG B 7 10.63 -15.13 18.38
C ARG B 7 10.92 -13.99 17.41
N GLN B 8 11.30 -14.36 16.20
CA GLN B 8 11.61 -13.38 15.17
C GLN B 8 10.39 -12.53 14.83
N SER B 9 9.25 -13.17 14.67
CA SER B 9 8.02 -12.44 14.34
C SER B 9 7.63 -11.46 15.44
N LEU B 10 7.83 -11.86 16.70
CA LEU B 10 7.47 -10.99 17.82
C LEU B 10 8.35 -9.75 17.88
N GLU B 11 9.65 -9.91 17.65
CA GLU B 11 10.54 -8.77 17.71
C GLU B 11 10.22 -7.77 16.60
N ILE B 12 9.96 -8.28 15.39
CA ILE B 12 9.64 -7.40 14.27
C ILE B 12 8.34 -6.62 14.49
N ILE B 13 7.28 -7.33 14.86
CA ILE B 13 5.98 -6.70 15.07
C ILE B 13 5.97 -5.77 16.29
N SER B 14 6.63 -6.17 17.37
CA SER B 14 6.71 -5.36 18.59
C SER B 14 7.46 -4.05 18.32
N ARG B 15 8.59 -4.16 17.63
CA ARG B 15 9.38 -2.97 17.31
C ARG B 15 8.61 -2.02 16.40
N TYR B 16 7.90 -2.57 15.42
CA TYR B 16 7.14 -1.72 14.52
C TYR B 16 6.04 -0.98 15.27
N LEU B 17 5.28 -1.68 16.09
CA LEU B 17 4.19 -1.02 16.83
C LEU B 17 4.70 0.02 17.83
N ARG B 18 5.83 -0.27 18.46
CA ARG B 18 6.36 0.69 19.41
C ARG B 18 6.89 1.96 18.75
N GLU B 19 7.65 1.84 17.66
CA GLU B 19 8.15 3.05 17.00
C GLU B 19 7.04 3.84 16.30
N GLN B 20 5.97 3.15 15.89
CA GLN B 20 4.86 3.84 15.26
C GLN B 20 4.15 4.67 16.33
N ALA B 21 4.00 4.11 17.52
CA ALA B 21 3.32 4.79 18.62
C ALA B 21 4.13 5.94 19.24
N THR B 22 5.44 5.76 19.30
CA THR B 22 6.32 6.76 19.91
C THR B 22 6.95 7.74 18.92
N GLY B 23 7.30 7.26 17.73
CA GLY B 23 7.91 8.13 16.74
C GLY B 23 9.41 7.98 16.63
N ALA B 24 9.97 7.06 17.39
CA ALA B 24 11.43 6.86 17.38
C ALA B 24 11.88 5.46 16.96
N LYS B 25 13.03 5.39 16.31
CA LYS B 25 13.61 4.14 15.84
C LYS B 25 14.49 3.55 16.96
N ASP B 26 14.38 2.25 17.22
CA ASP B 26 15.21 1.60 18.24
C ASP B 26 16.53 1.30 17.53
N THR B 27 17.66 1.68 18.13
CA THR B 27 18.96 1.45 17.50
C THR B 27 19.67 0.15 17.90
N LYS B 28 19.11 -0.59 18.84
CA LYS B 28 19.71 -1.86 19.28
C LYS B 28 19.58 -2.94 18.21
N PRO B 29 20.57 -3.84 18.11
CA PRO B 29 20.50 -4.91 17.12
C PRO B 29 19.40 -5.92 17.45
N MET B 30 18.87 -6.55 16.41
CA MET B 30 17.84 -7.56 16.60
C MET B 30 18.50 -8.77 17.25
N GLY B 31 17.69 -9.74 17.68
CA GLY B 31 18.25 -10.93 18.28
C GLY B 31 19.00 -11.71 17.22
N SER B 33 20.16 -14.06 13.08
CA SER B 33 18.74 -13.75 13.13
C SER B 33 18.49 -12.25 12.94
N GLY B 34 19.49 -11.44 13.28
CA GLY B 34 19.34 -10.01 13.16
C GLY B 34 19.16 -9.40 11.79
N ALA B 35 19.98 -9.81 10.82
CA ALA B 35 19.90 -9.26 9.47
C ALA B 35 18.50 -9.25 8.88
N THR B 36 17.90 -10.43 8.72
CA THR B 36 16.56 -10.51 8.17
C THR B 36 15.56 -9.72 8.99
N SER B 37 15.62 -9.83 10.31
CA SER B 37 14.66 -9.08 11.10
C SER B 37 14.80 -7.57 10.81
N ARG B 38 16.04 -7.08 10.65
CA ARG B 38 16.25 -5.66 10.40
C ARG B 38 15.66 -5.22 9.08
N LYS B 39 15.85 -6.02 8.05
CA LYS B 39 15.32 -5.68 6.74
C LYS B 39 13.80 -5.79 6.75
N ALA B 40 13.27 -6.74 7.52
CA ALA B 40 11.82 -6.94 7.60
C ALA B 40 11.17 -5.69 8.23
N LEU B 41 11.82 -5.12 9.25
CA LEU B 41 11.29 -3.93 9.90
C LEU B 41 11.32 -2.75 8.94
N GLU B 42 12.41 -2.64 8.18
CA GLU B 42 12.56 -1.55 7.21
C GLU B 42 11.48 -1.63 6.15
N THR B 43 11.17 -2.85 5.70
CA THR B 43 10.14 -3.06 4.70
C THR B 43 8.79 -2.62 5.28
N LEU B 44 8.54 -2.95 6.55
CA LEU B 44 7.29 -2.54 7.19
C LEU B 44 7.16 -1.01 7.31
N ARG B 45 8.28 -0.32 7.56
CA ARG B 45 8.23 1.14 7.68
C ARG B 45 7.87 1.76 6.35
N ARG B 46 8.25 1.08 5.27
CA ARG B 46 7.97 1.56 3.93
C ARG B 46 6.55 1.20 3.50
N VAL B 47 6.21 -0.08 3.53
CA VAL B 47 4.89 -0.55 3.10
C VAL B 47 3.78 -0.32 4.11
N GLY B 48 4.05 -0.55 5.39
CA GLY B 48 3.03 -0.36 6.39
C GLY B 48 2.47 1.06 6.43
N ASP B 49 3.35 2.04 6.26
CA ASP B 49 2.95 3.44 6.29
C ASP B 49 2.05 3.79 5.11
N GLY B 50 2.30 3.18 3.95
CA GLY B 50 1.48 3.46 2.79
C GLY B 50 0.07 2.90 2.95
N VAL B 51 -0.04 1.75 3.60
CA VAL B 51 -1.32 1.10 3.82
C VAL B 51 -2.25 1.92 4.71
N GLN B 52 -1.70 2.47 5.79
CA GLN B 52 -2.50 3.26 6.72
C GLN B 52 -3.05 4.52 6.06
N ARG B 53 -2.32 5.04 5.07
CA ARG B 53 -2.75 6.23 4.34
C ARG B 53 -3.74 5.85 3.24
N ASN B 54 -3.38 4.83 2.47
CA ASN B 54 -4.25 4.37 1.38
C ASN B 54 -5.61 3.90 1.87
N HIS B 55 -5.64 3.41 3.10
CA HIS B 55 -6.88 2.90 3.65
C HIS B 55 -7.28 3.65 4.92
N GLU B 56 -6.94 4.94 4.94
CA GLU B 56 -7.23 5.82 6.07
C GLU B 56 -8.68 5.76 6.52
N THR B 57 -9.59 5.99 5.60
CA THR B 57 -11.01 5.99 5.92
C THR B 57 -11.46 4.67 6.55
N ALA B 58 -11.10 3.54 5.96
CA ALA B 58 -11.50 2.26 6.51
C ALA B 58 -10.86 2.03 7.89
N PHE B 59 -9.61 2.45 8.03
CA PHE B 59 -8.90 2.29 9.30
C PHE B 59 -9.56 3.09 10.41
N GLN B 60 -9.88 4.35 10.13
CA GLN B 60 -10.56 5.19 11.12
C GLN B 60 -11.91 4.56 11.47
N GLY B 61 -12.58 4.05 10.44
CA GLY B 61 -13.87 3.43 10.64
C GLY B 61 -13.85 2.20 11.52
N MET B 62 -12.89 1.33 11.28
CA MET B 62 -12.76 0.11 12.07
C MET B 62 -12.38 0.46 13.51
N LEU B 63 -11.44 1.39 13.68
CA LEU B 63 -11.03 1.78 15.03
C LEU B 63 -12.20 2.29 15.86
N ARG B 64 -13.03 3.16 15.27
CA ARG B 64 -14.21 3.70 15.96
C ARG B 64 -15.15 2.57 16.36
N LYS B 65 -15.39 1.67 15.42
CA LYS B 65 -16.26 0.53 15.64
C LYS B 65 -15.80 -0.31 16.82
N LEU B 66 -14.49 -0.52 16.90
CA LEU B 66 -13.88 -1.31 17.97
C LEU B 66 -14.01 -0.64 19.34
N ASP B 67 -14.10 0.68 19.34
CA ASP B 67 -14.27 1.45 20.56
C ASP B 67 -13.36 1.00 21.71
N ILE B 68 -12.05 1.17 21.50
CA ILE B 68 -11.05 0.77 22.47
C ILE B 68 -10.80 1.82 23.55
N LYS B 69 -11.14 1.47 24.78
CA LYS B 69 -10.97 2.38 25.91
C LYS B 69 -10.04 1.86 27.00
N ASN B 70 -10.00 0.54 27.15
CA ASN B 70 -9.17 -0.04 28.20
C ASN B 70 -8.55 -1.39 27.86
N GLU B 71 -8.01 -2.02 28.89
CA GLU B 71 -7.37 -3.32 28.80
C GLU B 71 -8.32 -4.42 28.34
N ASP B 72 -9.54 -4.42 28.86
CA ASP B 72 -10.49 -5.44 28.47
C ASP B 72 -10.81 -5.32 26.97
N ASP B 73 -10.94 -4.11 26.45
CA ASP B 73 -11.20 -3.95 25.01
C ASP B 73 -9.96 -4.43 24.22
N VAL B 74 -8.76 -4.19 24.75
CA VAL B 74 -7.57 -4.62 24.01
C VAL B 74 -7.54 -6.14 23.93
N LYS B 75 -7.97 -6.81 25.00
CA LYS B 75 -7.98 -8.27 25.02
C LYS B 75 -9.02 -8.80 24.05
N SER B 76 -10.10 -8.04 23.88
CA SER B 76 -11.18 -8.46 22.99
C SER B 76 -10.75 -8.46 21.52
N LEU B 77 -9.62 -7.83 21.22
CA LEU B 77 -9.15 -7.76 19.83
C LEU B 77 -8.71 -9.08 19.23
N SER B 78 -8.23 -10.01 20.04
CA SER B 78 -7.80 -11.30 19.53
C SER B 78 -8.92 -12.00 18.75
N ARG B 79 -10.12 -12.03 19.32
CA ARG B 79 -11.28 -12.67 18.68
C ARG B 79 -11.55 -12.06 17.32
N VAL B 80 -11.48 -10.72 17.24
CA VAL B 80 -11.72 -10.04 15.98
C VAL B 80 -10.66 -10.34 14.93
N MET B 81 -9.40 -10.41 15.33
CA MET B 81 -8.32 -10.71 14.38
C MET B 81 -8.45 -12.13 13.83
N ILE B 82 -8.89 -13.07 14.67
CA ILE B 82 -9.07 -14.45 14.22
C ILE B 82 -10.23 -14.46 13.23
N HIS B 83 -11.30 -13.74 13.59
CA HIS B 83 -12.49 -13.67 12.77
C HIS B 83 -12.24 -13.06 11.38
N VAL B 84 -11.52 -11.94 11.37
CA VAL B 84 -11.24 -11.21 10.14
C VAL B 84 -9.99 -11.65 9.37
N PHE B 85 -8.88 -11.85 10.08
CA PHE B 85 -7.65 -12.25 9.40
C PHE B 85 -7.48 -13.74 9.17
N SER B 86 -7.60 -14.55 10.21
CA SER B 86 -7.41 -15.99 10.06
C SER B 86 -8.45 -16.68 9.18
N ASP B 87 -9.70 -16.24 9.26
CA ASP B 87 -10.78 -16.85 8.47
C ASP B 87 -10.81 -16.24 7.08
N GLY B 88 -9.82 -16.58 6.26
CA GLY B 88 -9.76 -16.03 4.92
C GLY B 88 -8.46 -16.48 4.25
N VAL B 89 -8.33 -16.24 2.95
CA VAL B 89 -7.12 -16.64 2.26
C VAL B 89 -5.97 -15.81 2.78
N THR B 90 -4.78 -16.40 2.72
CA THR B 90 -3.60 -15.75 3.21
C THR B 90 -2.67 -15.31 2.09
N ASN B 91 -2.18 -14.08 2.18
CA ASN B 91 -1.21 -13.54 1.23
C ASN B 91 -0.45 -12.49 2.00
N TRP B 92 0.70 -12.06 1.48
CA TRP B 92 1.49 -11.07 2.19
C TRP B 92 0.75 -9.77 2.42
N GLY B 93 -0.14 -9.40 1.49
CA GLY B 93 -0.90 -8.17 1.64
C GLY B 93 -1.80 -8.20 2.86
N ARG B 94 -2.44 -9.33 3.12
CA ARG B 94 -3.32 -9.43 4.28
C ARG B 94 -2.52 -9.43 5.58
N ILE B 95 -1.28 -9.92 5.54
CA ILE B 95 -0.45 -9.93 6.73
C ILE B 95 0.00 -8.50 7.04
N VAL B 96 0.30 -7.74 5.99
CA VAL B 96 0.72 -6.35 6.16
C VAL B 96 -0.47 -5.54 6.71
N THR B 97 -1.69 -5.82 6.24
CA THR B 97 -2.86 -5.11 6.73
C THR B 97 -3.05 -5.44 8.22
N LEU B 98 -2.88 -6.70 8.57
CA LEU B 98 -3.00 -7.12 9.96
C LEU B 98 -2.05 -6.35 10.87
N ILE B 99 -0.79 -6.25 10.45
CA ILE B 99 0.24 -5.57 11.23
C ILE B 99 0.07 -4.06 11.17
N SER B 100 -0.30 -3.54 10.00
CA SER B 100 -0.47 -2.11 9.81
C SER B 100 -1.61 -1.55 10.65
N PHE B 101 -2.72 -2.27 10.70
CA PHE B 101 -3.82 -1.78 11.50
C PHE B 101 -3.43 -1.94 12.97
N GLY B 102 -2.58 -2.93 13.25
CA GLY B 102 -2.12 -3.13 14.61
C GLY B 102 -1.35 -1.90 15.05
N ALA B 103 -0.56 -1.34 14.14
CA ALA B 103 0.22 -0.14 14.41
C ALA B 103 -0.71 1.05 14.58
N PHE B 104 -1.80 1.07 13.81
CA PHE B 104 -2.79 2.14 13.87
C PHE B 104 -3.43 2.13 15.26
N VAL B 105 -3.70 0.93 15.78
CA VAL B 105 -4.29 0.82 17.11
C VAL B 105 -3.25 1.22 18.15
N ALA B 106 -1.99 0.81 17.94
CA ALA B 106 -0.92 1.16 18.86
C ALA B 106 -0.82 2.67 19.01
N LYS B 107 -0.97 3.39 17.90
CA LYS B 107 -0.91 4.86 17.94
C LYS B 107 -2.06 5.38 18.79
N HIS B 108 -3.24 4.80 18.56
CA HIS B 108 -4.43 5.20 19.31
C HIS B 108 -4.24 4.96 20.80
N LEU B 109 -3.58 3.85 21.14
CA LEU B 109 -3.34 3.48 22.54
C LEU B 109 -2.42 4.48 23.24
N LYS B 110 -1.45 5.01 22.51
CA LYS B 110 -0.52 5.98 23.08
C LYS B 110 -1.24 7.30 23.29
N THR B 111 -2.01 7.68 22.26
CA THR B 111 -2.78 8.91 22.24
C THR B 111 -3.71 9.02 23.45
N ILE B 112 -4.36 7.90 23.81
CA ILE B 112 -5.28 7.89 24.94
C ILE B 112 -4.63 7.44 26.24
N ASN B 113 -3.30 7.52 26.29
CA ASN B 113 -2.54 7.12 27.48
C ASN B 113 -2.76 5.72 28.03
N GLN B 114 -2.68 4.74 27.12
CA GLN B 114 -2.81 3.32 27.49
C GLN B 114 -1.59 2.66 26.86
N GLU B 115 -0.45 3.34 26.96
CA GLU B 115 0.80 2.87 26.38
C GLU B 115 1.23 1.46 26.80
N SER B 116 0.93 1.07 28.04
CA SER B 116 1.34 -0.25 28.51
C SER B 116 0.60 -1.39 27.81
N CYS B 117 -0.42 -1.07 27.02
CA CYS B 117 -1.19 -2.09 26.33
C CYS B 117 -0.60 -2.48 24.98
N ILE B 118 0.35 -1.68 24.51
CA ILE B 118 0.97 -1.93 23.21
C ILE B 118 1.77 -3.23 23.12
N GLU B 119 2.68 -3.46 24.05
CA GLU B 119 3.47 -4.70 23.99
C GLU B 119 2.55 -5.93 24.04
N PRO B 120 1.52 -5.93 24.90
CA PRO B 120 0.60 -7.07 24.97
C PRO B 120 -0.15 -7.23 23.65
N LEU B 121 -0.48 -6.11 23.00
CA LEU B 121 -1.17 -6.15 21.72
C LEU B 121 -0.28 -6.78 20.65
N ALA B 122 1.00 -6.39 20.66
CA ALA B 122 1.94 -6.92 19.68
C ALA B 122 2.06 -8.43 19.85
N GLU B 123 1.99 -8.89 21.09
CA GLU B 123 2.08 -10.31 21.38
C GLU B 123 0.84 -11.02 20.85
N SER B 124 -0.33 -10.37 20.98
CA SER B 124 -1.59 -10.95 20.50
C SER B 124 -1.59 -11.07 18.98
N ILE B 125 -1.06 -10.06 18.31
CA ILE B 125 -1.00 -10.07 16.85
C ILE B 125 -0.07 -11.19 16.38
N THR B 126 1.07 -11.32 17.07
CA THR B 126 2.04 -12.35 16.72
C THR B 126 1.43 -13.74 16.92
N ASP B 127 0.67 -13.91 18.00
CA ASP B 127 0.04 -15.20 18.26
C ASP B 127 -0.93 -15.55 17.14
N VAL B 128 -1.72 -14.59 16.70
CA VAL B 128 -2.68 -14.83 15.62
C VAL B 128 -1.96 -15.16 14.32
N LEU B 129 -0.93 -14.39 13.99
CA LEU B 129 -0.18 -14.62 12.75
C LEU B 129 0.57 -15.96 12.73
N VAL B 130 1.44 -16.16 13.72
CA VAL B 130 2.24 -17.36 13.77
C VAL B 130 1.52 -18.65 14.17
N ARG B 131 0.58 -18.56 15.12
CA ARG B 131 -0.12 -19.75 15.58
C ARG B 131 -1.22 -20.23 14.64
N THR B 132 -1.76 -19.37 13.78
CA THR B 132 -2.79 -19.82 12.85
C THR B 132 -2.31 -19.94 11.39
N LYS B 133 -1.12 -19.42 11.08
CA LYS B 133 -0.65 -19.49 9.70
C LYS B 133 0.79 -19.99 9.54
N ARG B 134 1.26 -20.81 10.47
CA ARG B 134 2.65 -21.29 10.40
C ARG B 134 2.96 -22.04 9.10
N ASP B 135 2.12 -22.99 8.73
CA ASP B 135 2.35 -23.75 7.51
C ASP B 135 2.56 -22.84 6.32
N TRP B 136 1.68 -21.86 6.15
CA TRP B 136 1.79 -20.91 5.05
C TRP B 136 3.09 -20.10 5.15
N LEU B 137 3.38 -19.59 6.34
CA LEU B 137 4.59 -18.79 6.53
C LEU B 137 5.85 -19.56 6.16
N VAL B 138 5.94 -20.80 6.64
CA VAL B 138 7.11 -21.62 6.34
C VAL B 138 7.24 -21.88 4.85
N LYS B 139 6.12 -22.22 4.22
CA LYS B 139 6.13 -22.48 2.78
C LYS B 139 6.53 -21.23 1.99
N GLN B 140 6.19 -20.05 2.52
CA GLN B 140 6.55 -18.81 1.85
C GLN B 140 7.91 -18.27 2.28
N ARG B 141 8.70 -19.12 2.93
CA ARG B 141 10.05 -18.77 3.39
C ARG B 141 10.16 -17.73 4.51
N GLY B 142 9.12 -17.66 5.34
CA GLY B 142 9.12 -16.75 6.47
C GLY B 142 9.47 -15.30 6.16
N TRP B 143 10.16 -14.65 7.07
CA TRP B 143 10.51 -13.25 6.87
C TRP B 143 11.51 -13.03 5.73
N ASP B 144 12.27 -14.05 5.37
CA ASP B 144 13.18 -13.88 4.25
C ASP B 144 12.31 -13.74 3.02
N GLY B 145 11.22 -14.51 3.00
CA GLY B 145 10.29 -14.44 1.88
C GLY B 145 9.58 -13.09 1.84
N PHE B 146 9.23 -12.59 3.01
CA PHE B 146 8.55 -11.30 3.15
C PHE B 146 9.42 -10.20 2.52
N VAL B 147 10.69 -10.19 2.90
CA VAL B 147 11.63 -9.20 2.40
C VAL B 147 11.82 -9.29 0.89
N GLU B 148 11.89 -10.51 0.37
CA GLU B 148 12.06 -10.73 -1.06
C GLU B 148 10.82 -10.30 -1.83
N PHE B 149 9.65 -10.57 -1.28
CA PHE B 149 8.39 -10.24 -1.92
C PHE B 149 8.26 -8.74 -2.15
N PHE B 150 8.72 -7.96 -1.18
CA PHE B 150 8.61 -6.50 -1.24
C PHE B 150 9.87 -5.76 -1.70
N HIS B 151 10.95 -6.50 -1.98
CA HIS B 151 12.21 -5.91 -2.41
C HIS B 151 12.05 -4.92 -3.56
N VAL B 152 12.75 -3.78 -3.44
CA VAL B 152 12.69 -2.73 -4.46
C VAL B 152 13.85 -2.88 -5.45
C1 LOD C . -6.36 1.16 -14.45
C2 LOD C . -6.65 0.45 -15.62
C3 LOD C . -7.77 -0.41 -15.74
C7 LOD C . -10.22 -0.55 -7.89
C8 LOD C . -10.32 0.41 -6.87
C9 LOD C . -10.00 1.76 -7.15
C10 LOD C . -9.61 2.12 -8.44
C11 LOD C . -10.04 1.12 -11.77
C12 LOD C . -8.78 -0.99 -11.35
C13 LOD C . -9.82 -0.22 -9.20
C14 LOD C . -9.52 1.15 -9.47
C15 LOD C . -9.39 -0.13 -12.40
C16 LOD C . -10.74 0.06 -5.51
C19 LOD C . -9.01 -3.34 -9.06
C20 LOD C . -9.28 -4.81 -8.63
C21 LOD C . -7.76 -5.09 -8.74
C22 LOD C . -9.81 -1.39 -14.52
N1 LOD C . -9.59 -1.23 -10.15
O1 LOD C . -9.19 1.62 -10.74
O2 LOD C . -10.61 0.84 -4.62
O3 LOD C . -11.27 -1.13 -5.33
C17 LOD C . -10.04 -2.61 -9.97
C18 LOD C . -7.63 -3.77 -9.56
C4 LOD C . -8.59 -0.53 -14.63
C5 LOD C . -8.35 0.16 -13.45
C6 LOD C . -7.22 1.01 -13.34
CL1 LOD C . -5.64 0.65 -16.99
C23 LOD C . -10.43 -0.97 -13.17
C1 LOD D . -5.02 -5.60 14.16
C2 LOD D . -5.80 -5.35 15.29
C3 LOD D . -7.20 -5.50 15.30
C7 LOD D . -8.43 -6.74 7.20
C8 LOD D . -7.73 -7.48 6.21
C9 LOD D . -6.63 -8.28 6.56
C10 LOD D . -6.24 -8.34 7.91
C11 LOD D . -7.50 -8.03 11.16
C12 LOD D . -7.98 -5.61 10.79
C13 LOD D . -8.04 -6.77 8.57
C14 LOD D . -6.92 -7.62 8.90
C15 LOD D . -7.92 -6.71 11.83
C16 LOD D . -8.13 -7.43 4.80
C19 LOD D . -9.55 -3.95 8.37
C20 LOD D . -10.74 -2.99 8.20
C21 LOD D . -9.72 -1.80 8.26
C22 LOD D . -9.22 -6.20 13.89
N1 LOD D . -8.62 -5.91 9.51
O1 LOD D . -6.48 -7.84 10.19
O2 LOD D . -7.42 -7.86 3.93
O3 LOD D . -9.33 -6.85 4.56
C17 LOD D . -9.85 -5.18 9.25
C18 LOD D . -8.75 -2.77 9.00
C4 LOD D . -7.78 -5.94 14.10
C5 LOD D . -7.03 -6.21 12.96
C6 LOD D . -5.65 -6.04 12.98
CL1 LOD D . -4.96 -4.86 16.73
C23 LOD D . -9.25 -6.98 12.56
#